data_5WCI
#
_entry.id   5WCI
#
_cell.length_a   46.336
_cell.length_b   58.729
_cell.length_c   120.277
_cell.angle_alpha   90.000
_cell.angle_beta   90.000
_cell.angle_gamma   90.000
#
_symmetry.space_group_name_H-M   'P 21 21 21'
#
loop_
_entity.id
_entity.type
_entity.pdbx_description
1 polymer 'Histone acetyltransferase KAT8'
2 non-polymer 'ZINC ION'
3 non-polymer 'propionyl Coenzyme A'
4 non-polymer 'CHLORIDE ION'
5 non-polymer 1,2-ETHANEDIOL
6 water water
#
_entity_poly.entity_id   1
_entity_poly.type   'polypeptide(L)'
_entity_poly.pdbx_seq_one_letter_code
;MGSSHHHHHHSSGLVPRGSTKVKYVDKIHIGNYEIDAWYFSPFPEDYGKQPKLWLCEYCLKYMKYEKSYRFHLGQCQWRQ
PPGKEIYRKSNISVHEVDGKDHKIYCQNLCLLAKLFLDH(ALY)TLYFDVEPFVFYILTEVDRQGAHIVGYFSKEKESPD
GNNVACILTLPPYQRRGYGKFLIAFSYELSKLESTVGSPEKPLSDLGKLSYRSYWSWVLLENLRDFRGTLSIKDLSQMTS
ITQNDIISTLQSLNMVKYWKGQHVICVTPKLVEEHLKSAQYKKPPITVDSVCLKWAPPK
;
_entity_poly.pdbx_strand_id   A
#
loop_
_chem_comp.id
_chem_comp.type
_chem_comp.name
_chem_comp.formula
1VU non-polymer 'propionyl Coenzyme A' 'C24 H40 N7 O17 P3 S'
CL non-polymer 'CHLORIDE ION' 'Cl -1'
EDO non-polymer 1,2-ETHANEDIOL 'C2 H6 O2'
ZN non-polymer 'ZINC ION' 'Zn 2'
#
# COMPACT_ATOMS: atom_id res chain seq x y z
N HIS A 10 21.74 -10.68 -6.05
CA HIS A 10 21.43 -12.10 -5.62
C HIS A 10 21.42 -13.08 -6.80
N SER A 11 21.69 -14.35 -6.50
CA SER A 11 21.77 -15.41 -7.52
C SER A 11 20.56 -16.35 -7.47
N SER A 12 20.25 -16.92 -8.62
CA SER A 12 19.21 -17.93 -8.76
C SER A 12 19.69 -19.00 -9.73
N GLY A 13 18.92 -20.08 -9.82
CA GLY A 13 19.29 -21.26 -10.60
C GLY A 13 20.10 -22.24 -9.76
N LEU A 14 20.56 -23.30 -10.41
CA LEU A 14 21.40 -24.30 -9.78
C LEU A 14 22.83 -23.73 -9.68
N VAL A 15 23.46 -23.87 -8.51
CA VAL A 15 24.85 -23.42 -8.34
C VAL A 15 25.79 -24.44 -9.00
N PRO A 16 27.00 -24.00 -9.42
CA PRO A 16 27.96 -24.92 -10.06
C PRO A 16 28.37 -26.12 -9.18
N ARG A 17 28.97 -27.13 -9.83
CA ARG A 17 29.39 -28.38 -9.18
C ARG A 17 30.44 -28.13 -8.09
N GLY A 18 30.16 -28.61 -6.87
CA GLY A 18 31.06 -28.45 -5.73
C GLY A 18 30.74 -27.29 -4.80
N SER A 19 30.02 -26.27 -5.30
CA SER A 19 29.71 -25.06 -4.52
C SER A 19 28.60 -25.27 -3.51
N THR A 20 28.58 -24.40 -2.50
CA THR A 20 27.51 -24.34 -1.51
C THR A 20 26.56 -23.20 -1.87
N LYS A 21 25.28 -23.52 -2.03
CA LYS A 21 24.24 -22.50 -2.22
C LYS A 21 24.06 -21.74 -0.90
N VAL A 22 24.29 -20.42 -0.94
CA VAL A 22 23.99 -19.54 0.20
C VAL A 22 22.50 -19.19 0.14
N LYS A 23 21.78 -19.66 1.15
CA LYS A 23 20.34 -19.58 1.14
C LYS A 23 19.88 -18.17 1.53
N TYR A 24 18.88 -17.66 0.82
CA TYR A 24 18.17 -16.44 1.19
C TYR A 24 16.92 -16.74 1.97
N VAL A 25 16.37 -15.72 2.59
CA VAL A 25 15.15 -15.89 3.34
C VAL A 25 14.06 -16.30 2.34
N ASP A 26 13.35 -17.40 2.61
CA ASP A 26 12.25 -17.81 1.73
C ASP A 26 10.93 -18.06 2.38
N LYS A 27 10.89 -18.01 3.70
CA LYS A 27 9.66 -18.22 4.42
C LYS A 27 9.75 -17.43 5.71
N ILE A 28 8.68 -16.73 6.05
CA ILE A 28 8.57 -16.03 7.34
C ILE A 28 7.43 -16.57 8.18
N HIS A 29 7.61 -16.51 9.49
CA HIS A 29 6.57 -16.84 10.45
C HIS A 29 6.29 -15.52 11.14
N ILE A 30 5.07 -15.01 11.01
CA ILE A 30 4.67 -13.75 11.65
C ILE A 30 3.26 -13.92 12.23
N GLY A 31 3.12 -13.66 13.52
CA GLY A 31 1.86 -13.98 14.23
C GLY A 31 1.55 -15.47 14.04
N ASN A 32 0.33 -15.80 13.60
N ASN A 32 0.35 -15.77 13.53
CA ASN A 32 0.00 -17.18 13.25
CA ASN A 32 -0.04 -17.15 13.23
C ASN A 32 -0.12 -17.40 11.74
C ASN A 32 0.11 -17.58 11.77
N TYR A 33 0.75 -16.74 10.96
CA TYR A 33 0.88 -16.98 9.53
C TYR A 33 2.30 -17.42 9.21
N GLU A 34 2.39 -18.31 8.26
CA GLU A 34 3.65 -18.53 7.58
C GLU A 34 3.45 -18.11 6.14
N ILE A 35 4.43 -17.38 5.61
CA ILE A 35 4.30 -16.80 4.29
C ILE A 35 5.58 -17.03 3.50
N ASP A 36 5.45 -17.56 2.29
CA ASP A 36 6.58 -17.74 1.39
C ASP A 36 6.99 -16.39 0.78
N ALA A 37 8.29 -16.19 0.63
CA ALA A 37 8.84 -15.02 -0.06
C ALA A 37 8.53 -15.03 -1.57
N TRP A 38 8.37 -13.84 -2.13
CA TRP A 38 8.26 -13.65 -3.58
C TRP A 38 9.56 -13.17 -4.21
N TYR A 39 10.35 -12.45 -3.42
CA TYR A 39 11.61 -11.88 -3.88
C TYR A 39 12.68 -11.93 -2.80
N PHE A 40 13.92 -11.72 -3.24
CA PHE A 40 15.07 -11.57 -2.39
C PHE A 40 14.91 -10.32 -1.53
N SER A 41 15.19 -10.43 -0.24
CA SER A 41 15.29 -9.24 0.62
C SER A 41 16.62 -9.35 1.37
N PRO A 42 17.37 -8.24 1.48
CA PRO A 42 18.74 -8.25 2.01
C PRO A 42 18.80 -8.27 3.54
N PHE A 43 18.15 -9.26 4.14
CA PHE A 43 18.36 -9.55 5.54
C PHE A 43 19.82 -10.00 5.63
N PRO A 44 20.45 -9.82 6.79
CA PRO A 44 21.84 -10.33 6.87
C PRO A 44 21.96 -11.83 6.59
N GLU A 45 23.06 -12.24 5.96
CA GLU A 45 23.13 -13.60 5.35
C GLU A 45 22.85 -14.71 6.35
N ASP A 46 23.31 -14.48 7.58
CA ASP A 46 23.08 -15.37 8.72
C ASP A 46 21.59 -15.66 9.01
N TYR A 47 20.73 -14.69 8.74
CA TYR A 47 19.28 -14.86 8.90
C TYR A 47 18.66 -15.70 7.76
N GLY A 48 19.22 -15.59 6.56
CA GLY A 48 18.74 -16.37 5.42
C GLY A 48 19.05 -17.86 5.49
N LYS A 49 20.10 -18.23 6.21
CA LYS A 49 20.51 -19.64 6.25
C LYS A 49 19.55 -20.61 6.97
N GLN A 50 18.74 -20.11 7.93
N GLN A 50 18.72 -20.07 7.87
CA GLN A 50 17.80 -20.99 8.63
CA GLN A 50 17.72 -20.84 8.61
C GLN A 50 16.57 -21.25 7.77
C GLN A 50 16.55 -21.26 7.70
N PRO A 51 15.80 -22.33 8.06
CA PRO A 51 14.62 -22.67 7.26
C PRO A 51 13.52 -21.57 7.24
N LYS A 52 13.35 -20.86 8.36
CA LYS A 52 12.38 -19.77 8.49
C LYS A 52 13.02 -18.56 9.17
N LEU A 53 12.46 -17.40 8.86
CA LEU A 53 12.70 -16.19 9.62
C LEU A 53 11.42 -15.90 10.48
N TRP A 54 11.62 -15.55 11.74
CA TRP A 54 10.53 -15.38 12.68
C TRP A 54 10.44 -13.90 13.02
N LEU A 55 9.28 -13.29 12.75
CA LEU A 55 9.06 -11.88 13.01
C LEU A 55 8.05 -11.68 14.10
N CYS A 56 8.39 -10.83 15.07
CA CYS A 56 7.41 -10.30 16.02
C CYS A 56 6.37 -9.52 15.24
N GLU A 57 5.10 -9.88 15.39
CA GLU A 57 4.07 -9.23 14.58
C GLU A 57 3.81 -7.77 14.96
N TYR A 58 4.30 -7.34 16.12
CA TYR A 58 4.06 -5.99 16.62
C TYR A 58 5.24 -5.03 16.42
N CYS A 59 6.44 -5.44 16.83
CA CYS A 59 7.65 -4.59 16.66
C CYS A 59 8.46 -4.92 15.39
N LEU A 60 8.10 -6.02 14.72
CA LEU A 60 8.72 -6.48 13.47
C LEU A 60 10.18 -6.91 13.60
N LYS A 61 10.66 -7.10 14.83
CA LYS A 61 11.99 -7.65 15.02
C LYS A 61 12.05 -8.99 14.34
N TYR A 62 13.14 -9.22 13.61
CA TYR A 62 13.36 -10.48 12.93
C TYR A 62 14.35 -11.34 13.70
N MET A 63 14.02 -12.63 13.79
CA MET A 63 14.74 -13.60 14.62
C MET A 63 15.02 -14.91 13.87
N LYS A 64 16.05 -15.63 14.32
CA LYS A 64 16.59 -16.79 13.61
C LYS A 64 16.04 -18.13 14.04
N TYR A 65 15.52 -18.21 15.25
CA TYR A 65 15.10 -19.48 15.81
C TYR A 65 13.74 -19.40 16.41
N GLU A 66 13.03 -20.52 16.40
CA GLU A 66 11.76 -20.63 17.10
C GLU A 66 11.91 -20.31 18.59
N LYS A 67 13.02 -20.74 19.19
CA LYS A 67 13.21 -20.49 20.62
C LYS A 67 13.45 -18.99 20.95
N SER A 68 14.23 -18.30 20.14
CA SER A 68 14.39 -16.85 20.38
C SER A 68 13.07 -16.10 20.10
N TYR A 69 12.35 -16.53 19.06
CA TYR A 69 11.01 -16.01 18.80
C TYR A 69 10.06 -16.17 20.00
N ARG A 70 10.00 -17.37 20.57
CA ARG A 70 9.10 -17.64 21.67
C ARG A 70 9.46 -16.84 22.91
N PHE A 71 10.75 -16.68 23.18
CA PHE A 71 11.18 -15.83 24.29
C PHE A 71 10.76 -14.39 24.05
N HIS A 72 10.97 -13.91 22.83
CA HIS A 72 10.60 -12.54 22.48
C HIS A 72 9.09 -12.34 22.66
N LEU A 73 8.32 -13.29 22.15
CA LEU A 73 6.85 -13.27 22.22
C LEU A 73 6.36 -13.01 23.66
N GLY A 74 6.99 -13.69 24.62
CA GLY A 74 6.61 -13.58 26.03
C GLY A 74 7.13 -12.34 26.72
N GLN A 75 8.16 -11.68 26.15
CA GLN A 75 8.73 -10.50 26.76
C GLN A 75 8.31 -9.18 26.12
N CYS A 76 8.15 -9.15 24.79
CA CYS A 76 7.88 -7.90 24.07
C CYS A 76 6.52 -7.37 24.48
N GLN A 77 6.48 -6.10 24.81
CA GLN A 77 5.28 -5.46 25.32
C GLN A 77 4.47 -4.71 24.25
N TRP A 78 5.01 -4.61 23.03
N TRP A 78 5.00 -4.58 23.04
CA TRP A 78 4.30 -3.96 21.92
CA TRP A 78 4.29 -3.90 21.97
C TRP A 78 3.06 -4.76 21.57
C TRP A 78 3.08 -4.74 21.54
N ARG A 79 1.93 -4.08 21.38
CA ARG A 79 0.72 -4.73 20.84
C ARG A 79 0.09 -3.93 19.70
N GLN A 80 0.87 -3.04 19.12
CA GLN A 80 0.38 -2.20 18.03
C GLN A 80 1.58 -1.53 17.41
N PRO A 81 1.42 -0.93 16.22
CA PRO A 81 2.52 -0.16 15.65
C PRO A 81 2.85 1.07 16.50
N PRO A 82 4.06 1.61 16.35
CA PRO A 82 4.40 2.88 16.96
C PRO A 82 3.70 4.04 16.26
N GLY A 83 4.00 5.24 16.72
CA GLY A 83 3.45 6.44 16.15
C GLY A 83 2.00 6.68 16.54
N LYS A 84 1.38 7.61 15.82
CA LYS A 84 0.06 8.11 16.15
C LYS A 84 -1.04 7.35 15.40
N GLU A 85 -2.11 6.94 16.11
CA GLU A 85 -3.29 6.33 15.48
C GLU A 85 -4.13 7.46 14.88
N ILE A 86 -3.90 7.72 13.61
CA ILE A 86 -4.59 8.81 12.90
C ILE A 86 -5.93 8.39 12.31
N TYR A 87 -6.25 7.10 12.32
CA TYR A 87 -7.54 6.62 11.79
C TYR A 87 -7.99 5.44 12.62
N ARG A 88 -9.26 5.47 13.03
CA ARG A 88 -9.89 4.32 13.68
C ARG A 88 -11.37 4.31 13.35
N LYS A 89 -11.82 3.25 12.68
CA LYS A 89 -13.24 3.00 12.43
C LYS A 89 -13.49 1.53 12.65
N SER A 90 -14.43 1.26 13.55
CA SER A 90 -14.63 -0.08 14.08
C SER A 90 -13.24 -0.63 14.48
N ASN A 91 -12.86 -1.80 13.99
CA ASN A 91 -11.58 -2.41 14.38
C ASN A 91 -10.48 -2.25 13.31
N ILE A 92 -10.63 -1.25 12.46
CA ILE A 92 -9.63 -0.91 11.47
C ILE A 92 -8.92 0.33 11.91
N SER A 93 -7.58 0.26 11.96
CA SER A 93 -6.77 1.42 12.34
C SER A 93 -5.58 1.65 11.44
N VAL A 94 -5.20 2.93 11.36
CA VAL A 94 -3.96 3.34 10.69
C VAL A 94 -3.10 4.13 11.66
N HIS A 95 -1.82 3.74 11.73
CA HIS A 95 -0.80 4.48 12.46
C HIS A 95 0.13 5.18 11.47
N GLU A 96 0.44 6.43 11.77
CA GLU A 96 1.43 7.19 11.04
C GLU A 96 2.76 7.11 11.77
N VAL A 97 3.78 6.65 11.04
CA VAL A 97 5.08 6.36 11.62
C VAL A 97 6.13 7.08 10.78
N ASP A 98 6.74 8.10 11.38
CA ASP A 98 7.79 8.89 10.73
C ASP A 98 9.09 8.06 10.76
N GLY A 99 9.70 7.85 9.61
CA GLY A 99 10.90 7.02 9.54
C GLY A 99 12.07 7.58 10.34
N LYS A 100 12.10 8.90 10.52
CA LYS A 100 13.17 9.55 11.32
C LYS A 100 13.05 9.19 12.80
N ASP A 101 11.82 9.04 13.29
CA ASP A 101 11.57 8.81 14.70
C ASP A 101 11.42 7.36 15.14
N HIS A 102 11.21 6.45 14.18
CA HIS A 102 11.11 5.02 14.48
C HIS A 102 11.93 4.24 13.47
N LYS A 103 13.23 4.53 13.47
CA LYS A 103 14.13 4.01 12.46
C LYS A 103 14.15 2.48 12.39
N ILE A 104 14.34 1.86 13.54
CA ILE A 104 14.48 0.40 13.58
C ILE A 104 13.19 -0.27 13.09
N TYR A 105 12.05 0.15 13.61
CA TYR A 105 10.76 -0.40 13.17
C TYR A 105 10.61 -0.28 11.67
N CYS A 106 10.88 0.92 11.15
CA CYS A 106 10.74 1.16 9.70
C CYS A 106 11.73 0.35 8.86
N GLN A 107 12.95 0.19 9.34
CA GLN A 107 13.92 -0.70 8.66
C GLN A 107 13.38 -2.14 8.60
N ASN A 108 12.88 -2.61 9.73
CA ASN A 108 12.29 -3.98 9.84
C ASN A 108 11.13 -4.15 8.85
N LEU A 109 10.27 -3.14 8.80
CA LEU A 109 9.15 -3.12 7.86
C LEU A 109 9.61 -3.14 6.43
N CYS A 110 10.62 -2.33 6.09
CA CYS A 110 11.12 -2.31 4.72
C CYS A 110 11.76 -3.65 4.27
N LEU A 111 12.45 -4.33 5.17
CA LEU A 111 13.02 -5.67 4.86
C LEU A 111 11.90 -6.70 4.63
N LEU A 112 10.88 -6.66 5.49
CA LEU A 112 9.66 -7.46 5.32
C LEU A 112 9.03 -7.19 3.95
N ALA A 113 8.82 -5.91 3.65
CA ALA A 113 8.13 -5.51 2.43
C ALA A 113 8.86 -5.96 1.17
N LYS A 114 10.20 -5.90 1.20
CA LYS A 114 10.99 -6.23 0.04
C LYS A 114 10.87 -7.72 -0.35
N LEU A 115 10.46 -8.57 0.58
CA LEU A 115 10.15 -9.96 0.26
C LEU A 115 9.01 -10.07 -0.77
N PHE A 116 8.19 -9.03 -0.91
CA PHE A 116 7.02 -9.06 -1.82
C PHE A 116 7.03 -7.96 -2.90
N LEU A 117 8.17 -7.26 -3.04
CA LEU A 117 8.37 -6.20 -4.03
C LEU A 117 9.59 -6.46 -4.90
N ASP A 118 9.45 -6.27 -6.20
N ASP A 118 9.48 -6.27 -6.21
CA ASP A 118 10.53 -6.46 -7.16
CA ASP A 118 10.60 -6.57 -7.11
C ASP A 118 11.76 -5.62 -6.82
C ASP A 118 11.76 -5.56 -6.98
N HIS A 119 11.49 -4.41 -6.36
CA HIS A 119 12.53 -3.43 -6.08
C HIS A 119 12.02 -2.51 -4.99
OH ALY A 120 8.27 1.39 1.47
CH ALY A 120 9.49 1.56 1.43
CH3 ALY A 120 10.09 2.93 1.59
NZ ALY A 120 10.37 0.57 1.19
CE ALY A 120 9.97 -0.83 1.01
CD ALY A 120 11.05 -1.61 0.25
CG ALY A 120 11.39 -0.94 -1.08
CB ALY A 120 12.33 -1.73 -1.96
CA ALY A 120 12.66 -0.96 -3.25
N ALY A 120 12.96 -1.90 -4.29
C ALY A 120 13.88 -0.13 -3.04
O ALY A 120 15.01 -0.58 -3.34
N THR A 121 13.70 1.07 -2.49
CA THR A 121 14.82 1.88 -2.03
C THR A 121 15.55 1.15 -0.89
N LEU A 122 16.78 1.60 -0.59
CA LEU A 122 17.63 0.92 0.41
C LEU A 122 16.90 0.83 1.73
N TYR A 123 16.90 -0.36 2.33
CA TYR A 123 16.03 -0.60 3.49
C TYR A 123 16.41 0.25 4.70
N PHE A 124 17.68 0.66 4.80
CA PHE A 124 18.12 1.49 5.93
C PHE A 124 17.79 2.97 5.77
N ASP A 125 17.48 3.40 4.54
CA ASP A 125 17.24 4.82 4.24
C ASP A 125 15.76 5.09 4.45
N VAL A 126 15.36 5.08 5.71
CA VAL A 126 13.95 5.28 6.07
C VAL A 126 13.58 6.71 6.49
N GLU A 127 14.58 7.55 6.82
N GLU A 127 14.59 7.53 6.81
CA GLU A 127 14.31 8.91 7.29
CA GLU A 127 14.36 8.90 7.27
C GLU A 127 13.52 9.79 6.28
C GLU A 127 13.55 9.78 6.29
N PRO A 128 13.74 9.61 4.97
CA PRO A 128 12.95 10.41 4.00
C PRO A 128 11.47 10.06 3.88
N PHE A 129 10.99 9.04 4.62
CA PHE A 129 9.66 8.49 4.41
C PHE A 129 8.79 8.58 5.67
N VAL A 130 7.48 8.65 5.44
CA VAL A 130 6.47 8.38 6.46
C VAL A 130 5.74 7.11 6.02
N PHE A 131 5.41 6.27 6.99
CA PHE A 131 4.78 4.98 6.77
C PHE A 131 3.41 5.01 7.40
N TYR A 132 2.44 4.46 6.68
CA TYR A 132 1.05 4.36 7.16
C TYR A 132 0.73 2.88 7.28
N ILE A 133 0.60 2.40 8.53
CA ILE A 133 0.47 1.02 8.84
C ILE A 133 -0.99 0.70 9.08
N LEU A 134 -1.52 -0.26 8.35
CA LEU A 134 -2.92 -0.66 8.48
C LEU A 134 -2.99 -1.89 9.41
N THR A 135 -3.86 -1.84 10.41
CA THR A 135 -4.05 -2.97 11.31
C THR A 135 -5.53 -3.30 11.51
N GLU A 136 -5.79 -4.58 11.75
CA GLU A 136 -7.08 -5.07 12.26
C GLU A 136 -6.88 -5.32 13.74
N VAL A 137 -7.79 -4.82 14.56
CA VAL A 137 -7.63 -4.83 16.00
C VAL A 137 -8.55 -5.90 16.61
N ASP A 138 -8.03 -6.70 17.53
CA ASP A 138 -8.86 -7.54 18.38
C ASP A 138 -8.41 -7.42 19.84
N ARG A 139 -8.94 -8.28 20.73
CA ARG A 139 -8.57 -8.21 22.16
C ARG A 139 -7.07 -8.35 22.43
N GLN A 140 -6.37 -9.10 21.59
CA GLN A 140 -4.93 -9.36 21.74
C GLN A 140 -4.08 -8.18 21.31
N GLY A 141 -4.46 -7.48 20.24
CA GLY A 141 -3.69 -6.34 19.76
C GLY A 141 -4.11 -5.88 18.38
N ALA A 142 -3.26 -5.03 17.77
CA ALA A 142 -3.48 -4.49 16.44
C ALA A 142 -2.52 -5.21 15.46
N HIS A 143 -3.11 -5.99 14.56
CA HIS A 143 -2.37 -6.96 13.74
C HIS A 143 -2.16 -6.37 12.36
N ILE A 144 -0.90 -6.26 11.95
CA ILE A 144 -0.56 -5.65 10.64
C ILE A 144 -1.11 -6.41 9.45
N VAL A 145 -1.83 -5.65 8.61
N VAL A 145 -1.82 -5.71 8.55
CA VAL A 145 -2.43 -6.12 7.36
CA VAL A 145 -2.28 -6.33 7.30
C VAL A 145 -1.54 -5.74 6.19
C VAL A 145 -1.58 -5.73 6.09
N GLY A 146 -1.08 -4.50 6.20
CA GLY A 146 -0.36 -3.89 5.12
C GLY A 146 0.05 -2.48 5.44
N TYR A 147 0.61 -1.79 4.46
CA TYR A 147 1.06 -0.43 4.66
C TYR A 147 1.24 0.29 3.34
N PHE A 148 1.37 1.60 3.40
CA PHE A 148 2.06 2.31 2.32
C PHE A 148 3.03 3.31 2.91
N SER A 149 4.07 3.59 2.15
CA SER A 149 5.04 4.60 2.47
C SER A 149 4.86 5.78 1.49
N LYS A 150 5.38 6.91 1.92
CA LYS A 150 5.26 8.17 1.16
C LYS A 150 6.53 8.98 1.41
N GLU A 151 7.12 9.52 0.37
CA GLU A 151 8.25 10.44 0.53
C GLU A 151 7.74 11.72 1.16
N LYS A 152 8.48 12.24 2.13
CA LYS A 152 8.14 13.54 2.74
C LYS A 152 8.22 14.67 1.71
N GLU A 153 9.21 14.58 0.82
CA GLU A 153 9.35 15.49 -0.31
C GLU A 153 9.57 14.65 -1.52
N SER A 154 8.63 14.67 -2.46
CA SER A 154 8.71 13.87 -3.67
C SER A 154 8.97 14.77 -4.87
N PRO A 155 10.17 14.69 -5.47
CA PRO A 155 10.50 15.40 -6.72
C PRO A 155 9.50 15.10 -7.86
N ASP A 156 8.99 13.86 -7.90
CA ASP A 156 8.07 13.38 -8.95
C ASP A 156 6.58 13.51 -8.63
N GLY A 157 6.22 14.11 -7.49
CA GLY A 157 4.82 14.30 -7.11
C GLY A 157 4.10 13.01 -6.71
N ASN A 158 4.84 12.04 -6.18
CA ASN A 158 4.30 10.73 -5.85
C ASN A 158 3.61 10.82 -4.49
N ASN A 159 2.36 10.37 -4.38
CA ASN A 159 1.67 10.36 -3.08
C ASN A 159 1.73 9.01 -2.37
N VAL A 160 2.33 8.02 -3.02
CA VAL A 160 2.66 6.72 -2.46
C VAL A 160 4.01 6.32 -3.06
N ALA A 161 4.93 5.83 -2.24
CA ALA A 161 6.23 5.30 -2.70
C ALA A 161 6.12 3.80 -2.91
N CYS A 162 5.71 3.08 -1.86
N CYS A 162 5.59 3.12 -1.90
CA CYS A 162 5.42 1.64 -1.96
CA CYS A 162 5.40 1.70 -1.95
C CYS A 162 4.13 1.34 -1.24
C CYS A 162 4.12 1.34 -1.22
N ILE A 163 3.42 0.32 -1.71
CA ILE A 163 2.17 -0.14 -1.08
C ILE A 163 2.18 -1.66 -1.06
N LEU A 164 1.72 -2.24 0.05
CA LEU A 164 1.71 -3.69 0.25
C LEU A 164 0.56 -4.12 1.12
N THR A 165 -0.16 -5.16 0.69
CA THR A 165 -1.04 -5.92 1.57
C THR A 165 -0.33 -7.27 1.76
N LEU A 166 -0.13 -7.72 2.99
CA LEU A 166 0.54 -9.02 3.17
C LEU A 166 -0.29 -10.14 2.52
N PRO A 167 0.37 -11.11 1.87
CA PRO A 167 -0.35 -12.10 1.05
C PRO A 167 -1.59 -12.78 1.66
N PRO A 168 -1.53 -13.19 2.95
CA PRO A 168 -2.76 -13.81 3.51
C PRO A 168 -3.98 -12.88 3.61
N TYR A 169 -3.75 -11.56 3.57
CA TYR A 169 -4.82 -10.59 3.58
C TYR A 169 -5.19 -10.07 2.18
N GLN A 170 -4.57 -10.56 1.12
CA GLN A 170 -4.80 -9.99 -0.21
C GLN A 170 -6.20 -10.34 -0.74
N ARG A 171 -6.69 -9.50 -1.65
CA ARG A 171 -7.99 -9.68 -2.31
C ARG A 171 -9.20 -9.60 -1.39
N ARG A 172 -9.12 -8.71 -0.41
CA ARG A 172 -10.19 -8.48 0.54
C ARG A 172 -10.57 -6.99 0.65
N GLY A 173 -9.97 -6.16 -0.21
CA GLY A 173 -10.19 -4.72 -0.23
C GLY A 173 -9.23 -3.84 0.57
N TYR A 174 -8.26 -4.41 1.26
N TYR A 174 -8.27 -4.44 1.27
CA TYR A 174 -7.35 -3.60 2.08
CA TYR A 174 -7.32 -3.69 2.10
C TYR A 174 -6.42 -2.74 1.23
C TYR A 174 -6.43 -2.76 1.24
N GLY A 175 -6.01 -3.25 0.08
CA GLY A 175 -5.18 -2.47 -0.85
C GLY A 175 -5.90 -1.22 -1.38
N LYS A 176 -7.15 -1.39 -1.80
CA LYS A 176 -7.94 -0.23 -2.22
CA LYS A 176 -8.04 -0.28 -2.20
C LYS A 176 -8.24 0.71 -1.06
N PHE A 177 -8.38 0.18 0.16
CA PHE A 177 -8.50 1.04 1.34
C PHE A 177 -7.27 1.93 1.46
N LEU A 178 -6.09 1.31 1.41
CA LEU A 178 -4.82 2.05 1.49
C LEU A 178 -4.68 3.06 0.35
N ILE A 179 -5.04 2.70 -0.88
CA ILE A 179 -5.00 3.64 -1.99
C ILE A 179 -5.93 4.83 -1.70
N ALA A 180 -7.17 4.53 -1.30
CA ALA A 180 -8.14 5.59 -0.93
C ALA A 180 -7.54 6.52 0.14
N PHE A 181 -6.91 5.91 1.13
CA PHE A 181 -6.31 6.63 2.26
C PHE A 181 -5.24 7.59 1.74
N SER A 182 -4.38 7.10 0.83
CA SER A 182 -3.34 7.97 0.26
C SER A 182 -3.92 9.22 -0.44
N TYR A 183 -5.03 9.06 -1.12
CA TYR A 183 -5.69 10.21 -1.77
C TYR A 183 -6.43 11.12 -0.79
N GLU A 184 -6.92 10.57 0.33
CA GLU A 184 -7.47 11.42 1.40
C GLU A 184 -6.41 12.34 1.97
N LEU A 185 -5.18 11.84 2.11
CA LEU A 185 -4.08 12.69 2.54
C LEU A 185 -3.80 13.79 1.50
N SER A 186 -3.72 13.40 0.23
CA SER A 186 -3.48 14.36 -0.85
C SER A 186 -4.56 15.45 -0.88
N LYS A 187 -5.82 15.06 -0.69
CA LYS A 187 -6.92 16.03 -0.68
C LYS A 187 -6.72 17.04 0.46
N LEU A 188 -6.35 16.55 1.64
CA LEU A 188 -6.09 17.45 2.78
C LEU A 188 -4.86 18.35 2.60
N GLU A 189 -3.90 17.90 1.80
CA GLU A 189 -2.75 18.70 1.38
C GLU A 189 -3.05 19.65 0.19
N SER A 190 -4.27 19.62 -0.36
CA SER A 190 -4.67 20.42 -1.52
C SER A 190 -3.74 20.21 -2.72
N THR A 191 -3.44 18.94 -3.00
CA THR A 191 -2.55 18.63 -4.10
C THR A 191 -3.04 17.37 -4.78
N VAL A 192 -2.72 17.26 -6.07
CA VAL A 192 -2.88 16.00 -6.78
C VAL A 192 -1.65 15.16 -6.50
N GLY A 193 -1.78 13.86 -6.68
CA GLY A 193 -0.64 12.96 -6.58
C GLY A 193 -0.92 11.69 -7.31
N SER A 194 0.12 10.87 -7.49
CA SER A 194 0.03 9.62 -8.21
C SER A 194 1.03 8.63 -7.60
N PRO A 195 0.77 7.33 -7.71
CA PRO A 195 1.76 6.38 -7.19
C PRO A 195 3.11 6.45 -7.93
N GLU A 196 4.19 6.24 -7.18
CA GLU A 196 5.51 6.08 -7.77
C GLU A 196 5.53 4.95 -8.78
N LYS A 197 6.08 5.27 -9.96
CA LYS A 197 6.22 4.33 -11.05
C LYS A 197 7.60 3.64 -10.96
N PRO A 198 7.73 2.41 -11.45
CA PRO A 198 6.68 1.65 -12.11
C PRO A 198 5.75 0.90 -11.16
N LEU A 199 4.51 0.70 -11.59
CA LEU A 199 3.56 -0.12 -10.84
C LEU A 199 3.74 -1.56 -11.27
N SER A 200 3.72 -2.46 -10.29
CA SER A 200 3.61 -3.89 -10.56
C SER A 200 2.27 -4.18 -11.23
N ASP A 201 2.16 -5.36 -11.82
CA ASP A 201 0.90 -5.77 -12.44
C ASP A 201 -0.27 -5.70 -11.45
N LEU A 202 -0.06 -6.20 -10.24
CA LEU A 202 -1.12 -6.16 -9.21
C LEU A 202 -1.42 -4.70 -8.82
N GLY A 203 -0.36 -3.89 -8.74
CA GLY A 203 -0.51 -2.47 -8.50
C GLY A 203 -1.40 -1.79 -9.51
N LYS A 204 -1.14 -2.08 -10.79
CA LYS A 204 -1.93 -1.54 -11.89
C LYS A 204 -3.41 -1.90 -11.78
N LEU A 205 -3.72 -3.17 -11.48
CA LEU A 205 -5.10 -3.61 -11.35
C LEU A 205 -5.79 -2.91 -10.22
N SER A 206 -5.08 -2.74 -9.10
CA SER A 206 -5.64 -2.09 -7.91
C SER A 206 -5.94 -0.63 -8.14
N TYR A 207 -4.97 0.09 -8.68
CA TYR A 207 -5.18 1.51 -8.96
C TYR A 207 -6.27 1.72 -10.02
N ARG A 208 -6.28 0.91 -11.08
CA ARG A 208 -7.31 1.10 -12.10
C ARG A 208 -8.70 0.86 -11.52
N SER A 209 -8.84 -0.16 -10.67
CA SER A 209 -10.10 -0.44 -9.97
C SER A 209 -10.54 0.73 -9.08
N TYR A 210 -9.63 1.24 -8.26
CA TYR A 210 -9.90 2.41 -7.41
C TYR A 210 -10.29 3.63 -8.24
N TRP A 211 -9.45 3.98 -9.22
CA TRP A 211 -9.73 5.18 -10.02
C TRP A 211 -11.08 5.08 -10.73
N SER A 212 -11.39 3.90 -11.26
CA SER A 212 -12.66 3.69 -12.02
C SER A 212 -13.85 3.90 -11.09
N TRP A 213 -13.76 3.33 -9.89
CA TRP A 213 -14.85 3.42 -8.93
C TRP A 213 -15.09 4.86 -8.51
N VAL A 214 -14.03 5.57 -8.12
CA VAL A 214 -14.14 6.98 -7.72
C VAL A 214 -14.73 7.86 -8.80
N LEU A 215 -14.22 7.71 -10.01
CA LEU A 215 -14.64 8.58 -11.10
C LEU A 215 -16.08 8.28 -11.51
N LEU A 216 -16.44 7.01 -11.58
CA LEU A 216 -17.83 6.62 -11.86
C LEU A 216 -18.79 7.17 -10.77
N GLU A 217 -18.42 6.99 -9.51
CA GLU A 217 -19.21 7.49 -8.37
C GLU A 217 -19.44 8.99 -8.44
N ASN A 218 -18.42 9.74 -8.82
CA ASN A 218 -18.53 11.20 -8.92
C ASN A 218 -19.38 11.63 -10.12
N LEU A 219 -19.17 10.98 -11.26
CA LEU A 219 -19.96 11.25 -12.47
C LEU A 219 -21.46 10.92 -12.37
N ARG A 220 -21.85 10.08 -11.41
CA ARG A 220 -23.27 9.79 -11.13
C ARG A 220 -23.86 10.58 -9.95
N ASP A 221 -23.05 10.93 -8.96
CA ASP A 221 -23.51 11.74 -7.81
C ASP A 221 -23.71 13.19 -8.22
N PHE A 222 -22.81 13.70 -9.08
CA PHE A 222 -23.02 14.99 -9.74
C PHE A 222 -24.01 14.88 -10.91
N ARG A 223 -23.98 13.74 -11.61
CA ARG A 223 -24.83 13.47 -12.80
C ARG A 223 -24.43 14.36 -13.97
N GLY A 224 -23.45 13.90 -14.75
CA GLY A 224 -22.95 14.65 -15.92
C GLY A 224 -21.49 14.35 -16.20
N LEU A 226 -18.76 19.63 -15.50
CA LEU A 226 -17.79 18.81 -14.74
C LEU A 226 -16.64 18.30 -15.62
N SER A 227 -15.58 19.10 -15.70
CA SER A 227 -14.41 18.78 -16.53
C SER A 227 -13.45 17.74 -15.90
N ILE A 228 -12.39 17.42 -16.64
CA ILE A 228 -11.31 16.56 -16.14
C ILE A 228 -10.57 17.29 -15.03
N LYS A 229 -10.33 18.59 -15.21
CA LYS A 229 -9.78 19.45 -14.18
C LYS A 229 -10.62 19.43 -12.91
N ASP A 230 -11.94 19.52 -13.07
CA ASP A 230 -12.85 19.44 -11.93
C ASP A 230 -12.70 18.11 -11.19
N LEU A 231 -12.74 17.01 -11.95
CA LEU A 231 -12.55 15.70 -11.34
C LEU A 231 -11.21 15.58 -10.60
N SER A 232 -10.14 16.12 -11.19
CA SER A 232 -8.81 16.10 -10.56
C SER A 232 -8.80 16.87 -9.24
N GLN A 233 -9.38 18.08 -9.26
CA GLN A 233 -9.45 18.88 -8.03
C GLN A 233 -10.31 18.22 -6.95
N MET A 234 -11.39 17.56 -7.32
CA MET A 234 -12.26 16.87 -6.36
C MET A 234 -11.65 15.60 -5.74
N THR A 235 -10.83 14.90 -6.52
CA THR A 235 -10.36 13.55 -6.16
C THR A 235 -8.89 13.48 -5.75
N SER A 236 -8.11 14.50 -6.11
CA SER A 236 -6.64 14.51 -6.08
C SER A 236 -5.97 13.50 -7.02
N ILE A 237 -6.74 12.88 -7.92
CA ILE A 237 -6.19 12.01 -8.93
C ILE A 237 -5.67 12.95 -10.00
N THR A 238 -4.52 12.62 -10.58
CA THR A 238 -3.94 13.45 -11.63
C THR A 238 -4.80 13.40 -12.89
N GLN A 239 -4.73 14.48 -13.66
CA GLN A 239 -5.40 14.53 -14.94
C GLN A 239 -4.97 13.36 -15.86
N ASN A 240 -3.68 13.03 -15.88
CA ASN A 240 -3.24 11.85 -16.66
C ASN A 240 -3.88 10.54 -16.21
N ASP A 241 -3.97 10.30 -14.89
CA ASP A 241 -4.58 9.07 -14.41
C ASP A 241 -6.12 9.06 -14.65
N ILE A 242 -6.75 10.23 -14.58
CA ILE A 242 -8.15 10.34 -14.93
C ILE A 242 -8.34 9.98 -16.43
N ILE A 243 -7.50 10.55 -17.28
CA ILE A 243 -7.62 10.32 -18.72
C ILE A 243 -7.43 8.85 -19.05
N SER A 244 -6.39 8.21 -18.51
CA SER A 244 -6.18 6.79 -18.84
C SER A 244 -7.36 5.95 -18.35
N THR A 245 -7.92 6.31 -17.19
CA THR A 245 -9.05 5.58 -16.63
C THR A 245 -10.32 5.80 -17.46
N LEU A 246 -10.59 7.04 -17.84
CA LEU A 246 -11.76 7.33 -18.70
C LEU A 246 -11.63 6.62 -20.06
N GLN A 247 -10.41 6.56 -20.62
CA GLN A 247 -10.17 5.84 -21.87
C GLN A 247 -10.53 4.36 -21.73
N SER A 248 -10.13 3.74 -20.62
CA SER A 248 -10.48 2.34 -20.37
C SER A 248 -11.98 2.14 -20.12
N LEU A 249 -12.68 3.16 -19.65
CA LEU A 249 -14.15 3.15 -19.52
C LEU A 249 -14.89 3.54 -20.83
N ASN A 250 -14.15 3.82 -21.90
CA ASN A 250 -14.68 4.37 -23.13
C ASN A 250 -15.55 5.62 -22.90
N MET A 251 -15.04 6.53 -22.04
CA MET A 251 -15.78 7.73 -21.64
C MET A 251 -15.07 9.03 -21.94
N VAL A 252 -14.16 9.00 -22.91
CA VAL A 252 -13.46 10.20 -23.31
C VAL A 252 -13.31 10.20 -24.85
N LYS A 253 -13.43 11.40 -25.44
CA LYS A 253 -13.19 11.64 -26.85
C LYS A 253 -12.04 12.62 -26.97
N TYR A 254 -11.47 12.69 -28.16
CA TYR A 254 -10.34 13.57 -28.42
C TYR A 254 -10.84 14.49 -29.50
N TRP A 255 -10.82 15.79 -29.24
CA TRP A 255 -11.31 16.77 -30.18
C TRP A 255 -10.29 17.90 -30.29
N LYS A 256 -9.79 18.14 -31.49
N LYS A 256 -9.83 18.14 -31.51
CA LYS A 256 -8.73 19.13 -31.73
CA LYS A 256 -8.62 18.92 -31.77
C LYS A 256 -7.68 19.14 -30.60
C LYS A 256 -7.52 18.33 -30.91
N GLY A 257 -7.09 17.97 -30.37
N GLY A 257 -6.95 19.16 -30.05
CA GLY A 257 -5.98 17.83 -29.43
CA GLY A 257 -5.94 18.73 -29.09
C GLY A 257 -6.33 17.95 -27.96
C GLY A 257 -6.45 18.79 -27.67
N GLN A 258 -7.60 17.84 -27.64
N GLN A 258 -7.58 18.15 -27.42
CA GLN A 258 -8.05 18.02 -26.27
CA GLN A 258 -8.18 18.19 -26.11
C GLN A 258 -8.95 16.86 -25.87
C GLN A 258 -8.96 16.90 -25.84
N HIS A 259 -8.77 16.37 -24.64
CA HIS A 259 -9.57 15.25 -24.12
C HIS A 259 -10.88 15.79 -23.59
N VAL A 260 -11.98 15.20 -24.04
CA VAL A 260 -13.33 15.68 -23.70
C VAL A 260 -14.09 14.51 -23.08
N ILE A 261 -14.60 14.68 -21.86
CA ILE A 261 -15.38 13.61 -21.22
C ILE A 261 -16.66 13.43 -22.03
N CYS A 262 -17.03 12.19 -22.28
CA CYS A 262 -18.23 11.91 -23.09
C CYS A 262 -18.97 10.71 -22.50
N VAL A 263 -20.01 11.01 -21.72
CA VAL A 263 -20.77 9.98 -21.07
C VAL A 263 -22.17 10.48 -20.71
N THR A 264 -23.11 9.54 -20.54
CA THR A 264 -24.44 9.81 -20.04
C THR A 264 -24.61 9.16 -18.68
N PRO A 265 -25.57 9.64 -17.87
CA PRO A 265 -25.88 8.96 -16.60
C PRO A 265 -26.20 7.48 -16.77
N LYS A 266 -26.94 7.11 -17.83
CA LYS A 266 -27.31 5.72 -18.07
C LYS A 266 -26.10 4.80 -18.23
N LEU A 267 -25.12 5.26 -19.00
CA LEU A 267 -23.89 4.50 -19.24
C LEU A 267 -23.02 4.36 -17.97
N VAL A 268 -22.99 5.42 -17.16
CA VAL A 268 -22.29 5.37 -15.87
C VAL A 268 -22.92 4.30 -14.98
N GLU A 269 -24.25 4.28 -14.90
CA GLU A 269 -24.95 3.28 -14.09
C GLU A 269 -24.74 1.86 -14.60
N GLU A 270 -24.75 1.67 -15.93
CA GLU A 270 -24.46 0.36 -16.51
C GLU A 270 -23.11 -0.15 -15.99
N HIS A 271 -22.10 0.73 -16.01
CA HIS A 271 -20.78 0.38 -15.48
C HIS A 271 -20.81 0.06 -13.99
N LEU A 272 -21.47 0.90 -13.21
CA LEU A 272 -21.55 0.68 -11.75
C LEU A 272 -22.39 -0.54 -11.36
N LYS A 273 -23.36 -0.90 -12.20
CA LYS A 273 -24.18 -2.09 -11.96
C LYS A 273 -23.51 -3.41 -12.38
N SER A 274 -22.47 -3.33 -13.21
N SER A 274 -22.47 -3.33 -13.21
CA SER A 274 -21.78 -4.53 -13.69
CA SER A 274 -21.78 -4.53 -13.69
C SER A 274 -20.89 -5.12 -12.60
C SER A 274 -20.89 -5.12 -12.60
N ALA A 275 -20.56 -6.40 -12.76
CA ALA A 275 -19.65 -7.10 -11.84
C ALA A 275 -18.20 -6.60 -11.91
N GLN A 276 -17.83 -5.90 -12.98
CA GLN A 276 -16.47 -5.38 -13.18
C GLN A 276 -16.16 -4.14 -12.32
N TYR A 277 -17.19 -3.39 -11.91
CA TYR A 277 -17.04 -2.21 -11.03
C TYR A 277 -18.09 -2.26 -9.90
N LYS A 279 -17.17 -1.59 -6.00
CA LYS A 279 -17.89 -1.76 -4.73
C LYS A 279 -16.94 -2.06 -3.55
N PRO A 280 -16.09 -1.06 -3.15
CA PRO A 280 -15.04 -1.29 -2.15
C PRO A 280 -15.58 -1.77 -0.79
N PRO A 281 -15.17 -2.97 -0.33
CA PRO A 281 -15.75 -3.49 0.92
C PRO A 281 -15.47 -2.63 2.17
N ILE A 282 -14.35 -1.89 2.18
CA ILE A 282 -14.11 -0.90 3.22
C ILE A 282 -13.57 0.38 2.62
N THR A 283 -14.13 1.48 3.11
CA THR A 283 -13.80 2.80 2.61
C THR A 283 -13.29 3.67 3.73
N VAL A 284 -12.64 4.75 3.34
CA VAL A 284 -12.10 5.70 4.30
C VAL A 284 -13.21 6.69 4.68
N ASP A 285 -13.54 6.73 5.96
CA ASP A 285 -14.52 7.68 6.49
C ASP A 285 -13.75 8.91 7.02
N SER A 286 -13.93 10.06 6.36
N SER A 286 -13.93 10.06 6.35
CA SER A 286 -13.25 11.30 6.75
CA SER A 286 -13.31 11.34 6.76
C SER A 286 -13.48 11.71 8.21
C SER A 286 -13.47 11.66 8.23
N VAL A 287 -14.65 11.35 8.75
CA VAL A 287 -15.01 11.62 10.14
C VAL A 287 -14.14 10.81 11.15
N CYS A 288 -13.50 9.74 10.68
CA CYS A 288 -12.64 8.91 11.53
C CYS A 288 -11.15 9.20 11.31
N LEU A 289 -10.85 10.16 10.45
CA LEU A 289 -9.47 10.50 10.13
C LEU A 289 -9.11 11.76 10.89
N LYS A 290 -8.01 11.72 11.64
CA LYS A 290 -7.50 12.90 12.32
C LYS A 290 -6.09 13.21 11.83
N TRP A 291 -6.00 14.15 10.91
CA TRP A 291 -4.74 14.45 10.24
C TRP A 291 -4.77 15.83 9.63
N ALA A 292 -3.66 16.54 9.81
CA ALA A 292 -3.46 17.82 9.15
C ALA A 292 -2.15 17.75 8.40
N PRO A 293 -2.07 18.41 7.25
CA PRO A 293 -0.82 18.37 6.49
C PRO A 293 0.34 19.03 7.25
N PRO A 294 1.59 18.57 7.00
CA PRO A 294 2.74 19.22 7.65
C PRO A 294 3.09 20.59 7.05
N LYS A 295 2.72 20.85 5.79
CA LYS A 295 2.96 22.14 5.15
ZN ZN B . 8.43 -7.49 19.50
O14 1VU C . -12.06 -6.73 -7.86
P2 1VU C . -11.54 -5.42 -8.47
O15 1VU C . -11.85 -5.20 -9.95
O16 1VU C . -11.98 -4.24 -7.65
O13 1VU C . -9.96 -5.44 -8.40
C23 1VU C . -9.32 -5.82 -7.16
C22 1VU C . -8.84 -7.26 -7.23
O12 1VU C . -9.77 -8.17 -7.84
C16 1VU C . -7.58 -7.09 -8.07
N2 1VU C . -6.59 -8.13 -7.83
C21 1VU C . -6.31 -9.25 -8.57
N6 1VU C . -6.82 -9.59 -9.76
C20 1VU C . -6.35 -10.77 -10.17
N5 1VU C . -5.48 -11.58 -9.54
C19 1VU C . -4.99 -11.21 -8.34
N4 1VU C . -4.17 -12.05 -7.69
C18 1VU C . -5.41 -9.97 -7.81
N3 1VU C . -5.11 -9.32 -6.63
C17 1VU C . -5.84 -8.24 -6.69
O11 1VU C . -7.01 -5.86 -7.66
C15 1VU C . -8.03 -5.00 -7.09
C14 1VU C . -7.60 -4.57 -5.71
O10 1VU C . -8.06 -5.48 -4.69
P1 1VU C . -7.72 -5.29 -3.13
O8 1VU C . -8.19 -4.02 -2.59
O9 1VU C . -8.28 -6.48 -2.43
O7 1VU C . -6.14 -5.28 -3.07
P 1VU C . -5.10 -6.10 -2.19
O5 1VU C . -5.08 -7.52 -2.62
O6 1VU C . -5.39 -5.94 -0.72
O4 1VU C . -3.81 -5.28 -2.51
C13 1VU C . -3.28 -4.92 -3.80
C10 1VU C . -1.76 -4.85 -3.73
C11 1VU C . -1.19 -4.29 -5.05
C12 1VU C . -1.35 -3.91 -2.58
C9 1VU C . -1.26 -6.30 -3.48
O3 1VU C . -1.52 -7.09 -4.63
C8 1VU C . 0.19 -6.42 -3.05
O2 1VU C . 0.52 -6.07 -1.92
N1 1VU C . 1.03 -6.94 -3.95
C7 1VU C . 2.45 -7.15 -3.69
C6 1VU C . 3.22 -5.85 -3.60
C5 1VU C . 2.99 -4.94 -4.79
O1 1VU C . 3.02 -5.38 -5.95
N 1VU C . 2.75 -3.67 -4.51
C4 1VU C . 2.76 -2.61 -5.51
C3 1VU C . 4.14 -2.43 -6.11
S 1VU C . 4.25 -0.92 -7.10
C2 1VU C . 4.31 0.30 -5.83
O 1VU C . 4.24 0.02 -4.66
C1 1VU C . 4.42 1.69 -6.36
C 1VU C . 3.46 2.62 -5.70
CL CL D . 2.35 -18.19 1.28
C1 EDO E . 4.28 12.98 4.23
O1 EDO E . 5.20 13.94 4.79
C2 EDO E . 2.94 13.12 4.95
O2 EDO E . 1.86 12.52 4.21
C1 EDO F . 15.94 -23.26 18.58
O1 EDO F . 14.65 -22.98 18.00
C2 EDO F . 16.65 -24.42 17.90
O2 EDO F . 16.94 -24.15 16.54
C1 EDO G . 16.37 -3.61 11.20
O1 EDO G . 16.42 -2.55 12.16
C2 EDO G . 17.44 -3.47 10.15
O2 EDO G . 18.12 -4.69 10.04
C1 EDO H . -6.89 -1.00 21.46
O1 EDO H . -6.91 -0.03 20.40
C2 EDO H . -8.08 -1.95 21.39
O2 EDO H . -9.24 -1.28 20.85
#